data_5NWD
#
_entry.id   5NWD
#
_cell.length_a   90.910
_cell.length_b   98.430
_cell.length_c   118.800
_cell.angle_alpha   90.00
_cell.angle_beta   90.00
_cell.angle_gamma   90.00
#
_symmetry.space_group_name_H-M   'C 2 2 21'
#
loop_
_entity.id
_entity.type
_entity.pdbx_description
1 polymer Tankyrase-2
2 polymer Tankyrase-2
3 non-polymer 2-[4-(diethylamino)phenyl]-3~{H}-quinazolin-4-one
4 non-polymer 'ZINC ION'
5 non-polymer 'SULFATE ION'
6 non-polymer GLYCEROL
7 water water
#
loop_
_entity_poly.entity_id
_entity_poly.type
_entity_poly.pdbx_seq_one_letter_code
_entity_poly.pdbx_strand_id
1 'polypeptide(L)'
;MHHHHHHSSGVDLGTENLYFQSMLNTSGSGTILIDLSPDDKEFQSVEEEMQSTVREHRDGGHAGGIFNRYNILKIQKVCN
KKLWERYTHRRKEVSEENHNHANERMLFHGSPFVNAIIHKGFDERHAYIGGMFGAGIYFAENSSKSNQYVYGIGGGTGCP
VHKDRSCYICHRQLLFCRVTLGKSFLQFSAM
;
A,B
2 'polypeptide(L)' KMAHSPPGHHSVTGRPSVNGLALAEYVIYRGEQAYPEYLITYQIMRPEG H,I
#
loop_
_chem_comp.id
_chem_comp.type
_chem_comp.name
_chem_comp.formula
9C8 non-polymer 2-[4-(diethylamino)phenyl]-3~{H}-quinazolin-4-one 'C18 H19 N3 O'
GOL non-polymer GLYCEROL 'C3 H8 O3'
SO4 non-polymer 'SULFATE ION' 'O4 S -2'
ZN non-polymer 'ZINC ION' 'Zn 2'
#
# COMPACT_ATOMS: atom_id res chain seq x y z
N GLY A 30 -8.98 17.91 -31.48
CA GLY A 30 -7.86 18.60 -32.16
C GLY A 30 -6.46 18.07 -31.86
N THR A 31 -6.35 16.80 -31.49
CA THR A 31 -5.04 16.21 -31.20
C THR A 31 -4.42 15.62 -32.45
N ILE A 32 -3.15 15.94 -32.71
CA ILE A 32 -2.34 15.20 -33.67
C ILE A 32 -1.15 14.58 -32.93
N LEU A 33 -0.73 13.42 -33.43
CA LEU A 33 0.40 12.67 -32.88
C LEU A 33 1.55 12.72 -33.87
N ILE A 34 2.71 13.19 -33.42
CA ILE A 34 3.90 13.28 -34.28
C ILE A 34 4.91 12.24 -33.84
N ASP A 35 5.25 11.32 -34.73
CA ASP A 35 6.25 10.28 -34.44
C ASP A 35 7.61 10.90 -34.29
N LEU A 36 8.32 10.50 -33.24
CA LEU A 36 9.72 10.85 -33.11
C LEU A 36 10.59 9.76 -33.72
N SER A 37 11.65 10.18 -34.42
CA SER A 37 12.64 9.23 -34.90
C SER A 37 13.48 8.72 -33.75
N PRO A 38 13.85 7.42 -33.76
CA PRO A 38 14.82 6.94 -32.75
C PRO A 38 16.19 7.65 -32.76
N ASP A 39 16.52 8.31 -33.87
CA ASP A 39 17.74 9.12 -33.98
C ASP A 39 17.62 10.52 -33.33
N ASP A 40 16.41 10.91 -32.93
CA ASP A 40 16.13 12.23 -32.36
C ASP A 40 16.56 12.20 -30.89
N LYS A 41 17.29 13.23 -30.45
CA LYS A 41 17.72 13.36 -29.05
C LYS A 41 16.52 13.32 -28.08
N GLU A 42 15.40 13.86 -28.53
CA GLU A 42 14.17 13.87 -27.74
C GLU A 42 13.60 12.46 -27.53
N PHE A 43 13.60 11.64 -28.57
CA PHE A 43 13.24 10.22 -28.43
C PHE A 43 14.16 9.56 -27.41
N GLN A 44 15.45 9.80 -27.57
CA GLN A 44 16.44 9.11 -26.75
C GLN A 44 16.35 9.48 -25.27
N SER A 45 16.08 10.73 -24.96
CA SER A 45 15.99 11.14 -23.56
C SER A 45 14.69 10.61 -22.91
N VAL A 46 13.60 10.56 -23.66
CA VAL A 46 12.35 9.95 -23.15
C VAL A 46 12.53 8.43 -22.96
N GLU A 47 13.12 7.72 -23.92
CA GLU A 47 13.37 6.30 -23.76
C GLU A 47 14.25 6.04 -22.53
N GLU A 48 15.27 6.87 -22.31
CA GLU A 48 16.16 6.67 -21.18
C GLU A 48 15.41 6.84 -19.85
N GLU A 49 14.50 7.80 -19.78
CA GLU A 49 13.71 7.95 -18.55
C GLU A 49 12.80 6.75 -18.33
N MET A 50 12.21 6.24 -19.40
CA MET A 50 11.40 5.04 -19.33
C MET A 50 12.21 3.85 -18.82
N GLN A 51 13.36 3.58 -19.43
CA GLN A 51 14.13 2.38 -19.10
C GLN A 51 14.79 2.47 -17.73
N SER A 52 15.33 3.64 -17.39
CA SER A 52 16.12 3.81 -16.17
C SER A 52 15.30 3.86 -14.89
N THR A 53 13.98 3.99 -15.01
CA THR A 53 13.10 4.06 -13.84
C THR A 53 12.29 2.78 -13.66
N VAL A 54 12.66 1.69 -14.33
CA VAL A 54 12.13 0.38 -13.98
C VAL A 54 12.68 -0.08 -12.62
N ARG A 55 11.81 -0.63 -11.78
CA ARG A 55 12.25 -1.29 -10.55
C ARG A 55 11.49 -2.57 -10.35
N GLU A 56 11.94 -3.35 -9.37
CA GLU A 56 11.18 -4.51 -8.90
C GLU A 56 10.03 -4.02 -8.01
N HIS A 57 8.93 -4.76 -8.06
CA HIS A 57 7.71 -4.44 -7.32
C HIS A 57 7.43 -5.51 -6.28
N ARG A 58 6.83 -5.08 -5.18
CA ARG A 58 6.58 -5.95 -4.02
C ARG A 58 5.59 -7.06 -4.32
N ASP A 59 4.82 -6.93 -5.40
CA ASP A 59 3.94 -8.01 -5.86
C ASP A 59 4.60 -9.10 -6.72
N GLY A 60 5.92 -9.06 -6.84
CA GLY A 60 6.66 -10.03 -7.64
C GLY A 60 6.33 -10.02 -9.12
N GLY A 61 5.71 -8.95 -9.62
CA GLY A 61 5.26 -8.87 -11.02
C GLY A 61 3.79 -9.19 -11.27
N HIS A 62 3.01 -9.39 -10.21
CA HIS A 62 1.61 -9.80 -10.34
C HIS A 62 0.80 -8.83 -11.22
N ALA A 63 0.90 -7.53 -10.93
CA ALA A 63 0.09 -6.53 -11.61
C ALA A 63 0.63 -6.15 -12.98
N GLY A 64 1.93 -5.90 -13.07
CA GLY A 64 2.53 -5.35 -14.28
C GLY A 64 3.31 -6.30 -15.15
N GLY A 65 3.59 -7.51 -14.64
CA GLY A 65 4.42 -8.47 -15.32
C GLY A 65 5.84 -8.54 -14.80
N ILE A 66 6.58 -9.55 -15.27
CA ILE A 66 7.97 -9.76 -14.88
C ILE A 66 8.89 -9.28 -16.00
N PHE A 67 9.69 -8.28 -15.69
CA PHE A 67 10.59 -7.66 -16.66
C PHE A 67 11.56 -6.72 -15.95
N ASN A 68 12.70 -6.51 -16.60
CA ASN A 68 13.70 -5.54 -16.19
C ASN A 68 13.85 -4.37 -17.15
N ARG A 69 13.31 -4.52 -18.37
CA ARG A 69 13.39 -3.48 -19.38
C ARG A 69 12.27 -3.62 -20.40
N TYR A 70 12.15 -2.61 -21.26
CA TYR A 70 11.12 -2.58 -22.29
C TYR A 70 11.73 -2.64 -23.69
N ASN A 71 10.89 -3.05 -24.63
CA ASN A 71 11.14 -2.86 -26.05
C ASN A 71 10.28 -1.67 -26.46
N ILE A 72 10.91 -0.52 -26.68
CA ILE A 72 10.19 0.68 -27.08
C ILE A 72 9.90 0.58 -28.57
N LEU A 73 8.62 0.65 -28.92
CA LEU A 73 8.16 0.51 -30.31
C LEU A 73 7.96 1.86 -30.99
N LYS A 74 7.47 2.85 -30.24
CA LYS A 74 7.17 4.14 -30.79
C LYS A 74 7.08 5.18 -29.67
N ILE A 75 7.55 6.40 -29.95
CA ILE A 75 7.32 7.55 -29.08
C ILE A 75 6.73 8.66 -29.94
N GLN A 76 5.54 9.12 -29.56
CA GLN A 76 4.82 10.16 -30.26
C GLN A 76 4.61 11.37 -29.37
N LYS A 77 4.83 12.55 -29.94
CA LYS A 77 4.50 13.81 -29.27
C LYS A 77 3.01 14.04 -29.45
N VAL A 78 2.34 14.44 -28.37
CA VAL A 78 0.92 14.75 -28.39
C VAL A 78 0.77 16.25 -28.54
N CYS A 79 0.13 16.67 -29.63
CA CYS A 79 -0.01 18.09 -29.96
C CYS A 79 -1.48 18.49 -29.97
N ASN A 80 -1.85 19.38 -29.06
CA ASN A 80 -3.22 19.90 -28.97
C ASN A 80 -3.16 21.28 -28.34
N LYS A 81 -3.43 22.28 -29.16
CA LYS A 81 -3.34 23.69 -28.76
C LYS A 81 -4.25 24.03 -27.59
N LYS A 82 -5.52 23.64 -27.67
CA LYS A 82 -6.49 23.93 -26.60
CA LYS A 82 -6.50 23.91 -26.61
C LYS A 82 -6.08 23.28 -25.28
N LEU A 83 -5.69 22.01 -25.33
CA LEU A 83 -5.29 21.31 -24.11
C LEU A 83 -3.99 21.88 -23.52
N TRP A 84 -3.08 22.30 -24.37
CA TRP A 84 -1.85 22.94 -23.92
C TRP A 84 -2.14 24.28 -23.22
N GLU A 85 -3.02 25.07 -23.82
CA GLU A 85 -3.36 26.37 -23.23
C GLU A 85 -4.12 26.21 -21.91
N ARG A 86 -4.93 25.17 -21.81
CA ARG A 86 -5.60 24.79 -20.55
C ARG A 86 -4.55 24.48 -19.48
N TYR A 87 -3.53 23.71 -19.85
CA TYR A 87 -2.43 23.42 -18.94
C TYR A 87 -1.66 24.67 -18.51
N THR A 88 -1.25 25.49 -19.46
CA THR A 88 -0.41 26.67 -19.13
C THR A 88 -1.17 27.72 -18.33
N HIS A 89 -2.48 27.83 -18.58
CA HIS A 89 -3.33 28.75 -17.82
C HIS A 89 -3.32 28.35 -16.34
N ARG A 90 -3.56 27.07 -16.06
CA ARG A 90 -3.53 26.59 -14.68
C ARG A 90 -2.12 26.68 -14.09
N ARG A 91 -1.10 26.38 -14.88
CA ARG A 91 0.28 26.45 -14.40
C ARG A 91 0.61 27.86 -13.90
N LYS A 92 0.15 28.88 -14.63
CA LYS A 92 0.37 30.27 -14.23
C LYS A 92 -0.38 30.59 -12.92
N GLU A 93 -1.60 30.12 -12.78
CA GLU A 93 -2.36 30.30 -11.53
C GLU A 93 -1.61 29.70 -10.35
N VAL A 94 -1.11 28.48 -10.52
CA VAL A 94 -0.38 27.80 -9.45
C VAL A 94 0.92 28.53 -9.15
N SER A 95 1.68 28.87 -10.18
CA SER A 95 2.94 29.60 -10.04
CA SER A 95 2.94 29.59 -10.02
CA SER A 95 2.95 29.55 -9.97
C SER A 95 2.74 30.86 -9.21
N GLU A 96 1.72 31.64 -9.57
CA GLU A 96 1.46 32.90 -8.85
C GLU A 96 1.06 32.73 -7.38
N GLU A 97 0.50 31.57 -7.02
CA GLU A 97 0.20 31.22 -5.63
C GLU A 97 1.39 30.62 -4.88
N ASN A 98 2.51 30.42 -5.57
CA ASN A 98 3.66 29.71 -5.02
C ASN A 98 4.97 30.36 -5.43
N HIS A 99 5.10 31.65 -5.11
CA HIS A 99 6.32 32.46 -5.37
C HIS A 99 6.95 32.17 -6.74
N ASN A 100 6.09 32.23 -7.75
CA ASN A 100 6.48 32.07 -9.15
C ASN A 100 7.17 30.73 -9.42
N HIS A 101 6.68 29.69 -8.78
CA HIS A 101 7.27 28.34 -8.91
C HIS A 101 6.16 27.32 -9.13
N ALA A 102 6.05 26.84 -10.37
CA ALA A 102 5.05 25.82 -10.72
C ALA A 102 5.39 24.46 -10.16
N ASN A 103 6.68 24.20 -9.91
CA ASN A 103 7.16 22.91 -9.42
C ASN A 103 6.73 21.83 -10.41
N GLU A 104 7.15 22.04 -11.65
CA GLU A 104 6.78 21.21 -12.77
C GLU A 104 7.71 20.00 -12.91
N ARG A 105 7.09 18.83 -13.08
CA ARG A 105 7.81 17.57 -13.20
C ARG A 105 7.39 16.86 -14.47
N MET A 106 8.20 15.91 -14.92
CA MET A 106 7.80 14.99 -15.98
C MET A 106 7.63 13.61 -15.34
N LEU A 107 6.41 13.07 -15.46
CA LEU A 107 6.01 11.87 -14.70
C LEU A 107 5.22 10.93 -15.59
N PHE A 108 5.24 9.65 -15.25
CA PHE A 108 4.50 8.64 -15.99
C PHE A 108 3.07 8.49 -15.52
N HIS A 109 2.20 8.12 -16.47
CA HIS A 109 0.82 7.77 -16.18
C HIS A 109 0.41 6.57 -17.02
N GLY A 110 -0.07 5.54 -16.37
CA GLY A 110 -0.66 4.37 -17.03
C GLY A 110 -2.14 4.33 -16.74
N SER A 111 -2.93 3.98 -17.76
CA SER A 111 -4.38 3.96 -17.59
C SER A 111 -5.02 3.22 -18.75
N PRO A 112 -6.13 2.52 -18.50
CA PRO A 112 -6.94 2.04 -19.63
C PRO A 112 -7.49 3.15 -20.52
N PHE A 113 -7.51 4.38 -20.04
CA PHE A 113 -8.10 5.48 -20.79
C PHE A 113 -7.07 6.40 -21.48
N VAL A 114 -5.86 5.89 -21.72
CA VAL A 114 -4.83 6.71 -22.37
C VAL A 114 -5.28 7.33 -23.69
N ASN A 115 -6.04 6.60 -24.50
CA ASN A 115 -6.48 7.16 -25.78
C ASN A 115 -7.53 8.27 -25.59
N ALA A 116 -8.40 8.17 -24.59
CA ALA A 116 -9.30 9.28 -24.23
C ALA A 116 -8.52 10.51 -23.74
N ILE A 117 -7.50 10.27 -22.92
CA ILE A 117 -6.73 11.36 -22.32
C ILE A 117 -6.04 12.22 -23.37
N ILE A 118 -5.44 11.60 -24.37
CA ILE A 118 -4.70 12.36 -25.36
C ILE A 118 -5.62 13.19 -26.25
N HIS A 119 -6.88 12.80 -26.36
CA HIS A 119 -7.85 13.55 -27.19
C HIS A 119 -8.65 14.59 -26.42
N LYS A 120 -8.98 14.29 -25.17
CA LYS A 120 -9.89 15.12 -24.36
C LYS A 120 -9.22 15.83 -23.19
N GLY A 121 -7.99 15.42 -22.84
CA GLY A 121 -7.30 15.97 -21.68
C GLY A 121 -7.63 15.21 -20.41
N PHE A 122 -6.81 15.41 -19.38
CA PHE A 122 -7.11 14.85 -18.07
C PHE A 122 -8.30 15.57 -17.42
N ASP A 123 -9.16 14.81 -16.77
CA ASP A 123 -10.26 15.35 -15.96
C ASP A 123 -10.67 14.31 -14.89
N GLU A 124 -11.74 14.60 -14.14
N GLU A 124 -11.74 14.59 -14.14
CA GLU A 124 -12.16 13.75 -13.03
CA GLU A 124 -12.16 13.75 -13.02
C GLU A 124 -12.44 12.28 -13.37
C GLU A 124 -12.44 12.28 -13.37
N ARG A 125 -12.78 12.00 -14.63
CA ARG A 125 -13.00 10.62 -15.09
C ARG A 125 -11.72 9.78 -15.13
N HIS A 126 -10.56 10.43 -15.04
CA HIS A 126 -9.27 9.75 -15.06
C HIS A 126 -8.66 9.56 -13.69
N ALA A 127 -9.40 9.91 -12.64
CA ALA A 127 -8.95 9.76 -11.28
C ALA A 127 -9.05 8.33 -10.78
N TYR A 128 -8.08 7.95 -9.96
CA TYR A 128 -8.10 6.69 -9.22
C TYR A 128 -8.89 6.93 -7.93
N ILE A 129 -10.17 6.56 -7.96
CA ILE A 129 -11.07 6.91 -6.86
C ILE A 129 -10.62 6.28 -5.54
N GLY A 130 -10.13 5.04 -5.61
CA GLY A 130 -9.67 4.30 -4.44
C GLY A 130 -8.21 4.44 -4.08
N GLY A 131 -7.49 5.42 -4.63
CA GLY A 131 -6.08 5.56 -4.33
C GLY A 131 -5.81 5.92 -2.89
N MET A 132 -4.61 5.65 -2.43
CA MET A 132 -4.29 5.84 -1.00
C MET A 132 -4.20 7.29 -0.53
N PHE A 133 -4.13 8.22 -1.48
CA PHE A 133 -4.15 9.64 -1.17
C PHE A 133 -5.45 10.30 -1.64
N GLY A 134 -6.53 9.50 -1.72
CA GLY A 134 -7.85 10.02 -2.11
C GLY A 134 -8.05 10.02 -3.61
N ALA A 135 -9.25 10.44 -4.00
CA ALA A 135 -9.67 10.43 -5.40
C ALA A 135 -9.00 11.58 -6.14
N GLY A 136 -7.97 11.25 -6.92
CA GLY A 136 -7.25 12.20 -7.75
C GLY A 136 -6.57 11.44 -8.85
N ILE A 137 -5.80 12.16 -9.65
CA ILE A 137 -5.09 11.57 -10.80
C ILE A 137 -3.66 11.31 -10.36
N TYR A 138 -3.23 10.05 -10.51
CA TYR A 138 -1.96 9.56 -9.95
C TYR A 138 -0.89 9.47 -11.04
N PHE A 139 0.33 9.84 -10.64
CA PHE A 139 1.51 9.80 -11.52
C PHE A 139 2.67 9.18 -10.78
N ALA A 140 3.60 8.60 -11.51
CA ALA A 140 4.75 7.93 -10.90
C ALA A 140 6.07 8.39 -11.51
N GLU A 141 7.09 8.48 -10.68
CA GLU A 141 8.49 8.58 -11.16
C GLU A 141 8.97 7.27 -11.77
N ASN A 142 8.57 6.12 -11.22
CA ASN A 142 8.94 4.81 -11.78
C ASN A 142 8.02 4.47 -12.94
N SER A 143 8.55 4.31 -14.15
CA SER A 143 7.71 3.88 -15.26
C SER A 143 7.03 2.55 -14.97
N SER A 144 7.74 1.66 -14.25
CA SER A 144 7.18 0.35 -13.95
C SER A 144 5.99 0.41 -12.99
N LYS A 145 5.92 1.45 -12.15
CA LYS A 145 4.72 1.66 -11.35
C LYS A 145 3.53 1.96 -12.23
N SER A 146 3.66 2.93 -13.13
CA SER A 146 2.58 3.22 -14.08
C SER A 146 2.23 2.03 -14.95
N ASN A 147 3.22 1.21 -15.31
CA ASN A 147 2.96 -0.01 -16.09
C ASN A 147 1.96 -0.96 -15.41
N GLN A 148 1.91 -0.93 -14.08
CA GLN A 148 0.95 -1.77 -13.33
C GLN A 148 -0.51 -1.40 -13.56
N TYR A 149 -0.78 -0.22 -14.13
CA TYR A 149 -2.15 0.30 -14.32
C TYR A 149 -2.61 0.33 -15.76
N VAL A 150 -1.75 -0.08 -16.69
CA VAL A 150 -2.09 -0.08 -18.12
C VAL A 150 -3.37 -0.88 -18.41
N TYR A 151 -3.53 -2.02 -17.76
CA TYR A 151 -4.71 -2.88 -17.93
C TYR A 151 -5.72 -2.77 -16.78
N GLY A 152 -5.60 -1.71 -15.98
CA GLY A 152 -6.53 -1.42 -14.89
C GLY A 152 -5.86 -1.55 -13.53
N ILE A 153 -6.64 -1.33 -12.48
CA ILE A 153 -6.13 -1.42 -11.11
C ILE A 153 -5.65 -2.85 -10.86
N GLY A 154 -4.45 -2.99 -10.32
CA GLY A 154 -3.84 -4.30 -10.11
C GLY A 154 -3.56 -5.08 -11.38
N GLY A 155 -3.49 -4.38 -12.52
CA GLY A 155 -3.35 -5.02 -13.82
C GLY A 155 -4.64 -5.62 -14.37
N GLY A 156 -5.77 -5.42 -13.67
CA GLY A 156 -7.06 -5.98 -14.09
C GLY A 156 -6.95 -7.46 -14.40
N THR A 157 -7.44 -7.85 -15.58
CA THR A 157 -7.31 -9.23 -16.06
C THR A 157 -6.19 -9.39 -17.10
N GLY A 158 -5.28 -8.42 -17.18
CA GLY A 158 -4.20 -8.48 -18.14
C GLY A 158 -4.65 -8.01 -19.51
N CYS A 159 -3.84 -8.36 -20.52
CA CYS A 159 -4.08 -7.89 -21.88
C CYS A 159 -5.43 -8.40 -22.38
N PRO A 160 -6.12 -7.63 -23.24
CA PRO A 160 -7.43 -8.15 -23.70
C PRO A 160 -7.36 -9.41 -24.58
N VAL A 161 -6.25 -9.61 -25.29
CA VAL A 161 -6.11 -10.74 -26.23
C VAL A 161 -5.83 -12.06 -25.50
N HIS A 162 -4.88 -12.06 -24.57
CA HIS A 162 -4.45 -13.29 -23.90
C HIS A 162 -4.80 -13.40 -22.41
N LYS A 163 -5.39 -12.35 -21.84
CA LYS A 163 -5.73 -12.30 -20.41
C LYS A 163 -4.49 -12.52 -19.52
N ASP A 164 -3.38 -11.91 -19.93
CA ASP A 164 -2.09 -12.13 -19.30
C ASP A 164 -1.53 -10.80 -18.83
N ARG A 165 -1.43 -10.62 -17.51
CA ARG A 165 -0.86 -9.39 -16.94
C ARG A 165 0.64 -9.27 -17.24
N SER A 166 1.31 -10.39 -17.55
CA SER A 166 2.71 -10.39 -17.94
C SER A 166 2.91 -10.66 -19.43
N CYS A 167 1.93 -10.27 -20.26
CA CYS A 167 2.04 -10.51 -21.69
C CYS A 167 3.26 -9.81 -22.27
N TYR A 168 4.06 -10.59 -23.00
CA TYR A 168 5.26 -10.12 -23.69
C TYR A 168 4.99 -9.82 -25.17
N ILE A 169 3.77 -10.11 -25.64
CA ILE A 169 3.40 -9.95 -27.05
C ILE A 169 2.67 -8.63 -27.30
N CYS A 170 1.64 -8.38 -26.50
CA CYS A 170 0.74 -7.25 -26.75
C CYS A 170 1.41 -5.91 -26.49
N HIS A 171 1.03 -4.94 -27.30
CA HIS A 171 1.56 -3.59 -27.24
C HIS A 171 0.86 -2.83 -26.13
N ARG A 172 1.67 -2.20 -25.27
CA ARG A 172 1.19 -1.38 -24.18
C ARG A 172 1.46 0.07 -24.47
N GLN A 173 0.72 0.96 -23.83
CA GLN A 173 1.01 2.38 -23.92
C GLN A 173 1.05 3.06 -22.56
N LEU A 174 2.01 3.95 -22.39
CA LEU A 174 2.10 4.83 -21.22
C LEU A 174 2.16 6.26 -21.71
N LEU A 175 1.76 7.19 -20.84
CA LEU A 175 1.97 8.61 -21.07
C LEU A 175 3.13 9.11 -20.24
N PHE A 176 3.94 9.98 -20.82
CA PHE A 176 4.96 10.72 -20.07
C PHE A 176 4.52 12.16 -20.09
N CYS A 177 4.17 12.68 -18.92
CA CYS A 177 3.33 13.86 -18.77
C CYS A 177 4.04 14.99 -18.06
N ARG A 178 3.71 16.20 -18.45
CA ARG A 178 4.16 17.40 -17.77
C ARG A 178 3.13 17.71 -16.69
N VAL A 179 3.59 17.80 -15.45
CA VAL A 179 2.69 17.88 -14.28
C VAL A 179 3.10 19.04 -13.39
N THR A 180 2.13 19.89 -13.06
CA THR A 180 2.32 21.01 -12.14
C THR A 180 1.98 20.56 -10.73
N LEU A 181 2.98 20.52 -9.84
CA LEU A 181 2.75 20.11 -8.45
C LEU A 181 2.47 21.27 -7.51
N GLY A 182 2.95 22.46 -7.86
CA GLY A 182 2.90 23.58 -6.93
C GLY A 182 3.43 23.23 -5.55
N LYS A 183 2.82 23.79 -4.52
CA LYS A 183 3.07 23.38 -3.15
C LYS A 183 2.48 22.00 -2.87
N SER A 184 3.33 21.00 -2.64
CA SER A 184 2.87 19.63 -2.53
C SER A 184 2.84 19.17 -1.10
N PHE A 185 1.75 18.53 -0.69
CA PHE A 185 1.63 17.99 0.66
C PHE A 185 2.40 16.69 0.75
N LEU A 186 3.34 16.61 1.69
CA LEU A 186 4.20 15.45 1.83
C LEU A 186 3.57 14.40 2.73
N GLN A 187 3.30 13.22 2.17
CA GLN A 187 2.78 12.10 2.91
C GLN A 187 3.85 11.03 2.95
N PHE A 188 4.31 10.68 4.14
CA PHE A 188 5.25 9.60 4.33
C PHE A 188 4.33 8.36 4.36
N SER A 189 4.64 7.32 3.61
CA SER A 189 3.73 6.14 3.55
C SER A 189 4.44 4.87 3.13
N ALA A 190 3.89 3.73 3.59
CA ALA A 190 4.41 2.41 3.24
C ALA A 190 4.00 2.03 1.82
N MET B 2 -13.56 14.18 -8.03
CA MET B 2 -12.32 14.09 -7.27
C MET B 2 -12.40 14.80 -5.93
N ALA B 3 -11.51 14.41 -5.03
CA ALA B 3 -11.29 15.10 -3.78
C ALA B 3 -10.63 16.46 -4.04
N HIS B 4 -10.44 17.24 -2.99
CA HIS B 4 -9.68 18.48 -3.09
C HIS B 4 -8.26 18.24 -2.60
N SER B 5 -7.33 19.06 -3.09
CA SER B 5 -5.99 19.12 -2.51
C SER B 5 -6.14 19.51 -1.04
N PRO B 6 -5.20 19.05 -0.20
CA PRO B 6 -5.19 19.56 1.18
C PRO B 6 -5.13 21.10 1.20
N PRO B 7 -5.87 21.76 2.11
CA PRO B 7 -5.85 23.23 2.12
C PRO B 7 -4.44 23.81 2.09
N GLY B 8 -4.24 24.81 1.23
CA GLY B 8 -2.96 25.48 1.07
C GLY B 8 -1.95 24.75 0.19
N HIS B 9 -2.39 23.67 -0.48
CA HIS B 9 -1.50 22.84 -1.32
C HIS B 9 -2.16 22.62 -2.69
N HIS B 10 -1.33 22.25 -3.68
CA HIS B 10 -1.78 22.00 -5.05
C HIS B 10 -1.69 20.54 -5.50
N SER B 11 -1.14 19.69 -4.65
CA SER B 11 -0.91 18.27 -4.98
C SER B 11 -0.52 17.53 -3.72
N VAL B 12 -0.43 16.21 -3.83
CA VAL B 12 0.13 15.37 -2.75
C VAL B 12 1.31 14.58 -3.30
N THR B 13 2.36 14.46 -2.49
CA THR B 13 3.50 13.61 -2.78
C THR B 13 3.44 12.40 -1.86
N GLY B 14 3.45 11.21 -2.45
CA GLY B 14 3.56 9.96 -1.69
C GLY B 14 5.02 9.59 -1.64
N ARG B 15 5.67 9.84 -0.49
CA ARG B 15 7.06 9.43 -0.29
CA ARG B 15 7.06 9.42 -0.28
C ARG B 15 7.10 7.99 0.25
N PRO B 16 7.86 7.10 -0.41
CA PRO B 16 7.99 5.77 0.21
C PRO B 16 8.75 5.81 1.55
N SER B 17 8.21 5.10 2.55
CA SER B 17 8.82 5.00 3.91
C SER B 17 9.23 3.58 4.32
N VAL B 18 9.19 2.61 3.40
CA VAL B 18 9.56 1.21 3.67
C VAL B 18 10.55 0.69 2.61
N ASN B 19 10.12 0.73 1.35
CA ASN B 19 10.94 0.29 0.23
C ASN B 19 11.90 1.39 -0.17
N GLY B 20 13.15 1.19 0.25
CA GLY B 20 14.23 2.10 -0.07
C GLY B 20 14.53 2.29 -1.53
N LEU B 21 14.08 1.40 -2.43
CA LEU B 21 14.34 1.61 -3.87
C LEU B 21 13.21 2.28 -4.65
N ALA B 22 12.04 2.42 -4.03
CA ALA B 22 10.89 3.01 -4.76
C ALA B 22 11.06 4.52 -4.89
N LEU B 23 10.66 5.04 -6.04
CA LEU B 23 10.58 6.48 -6.24
C LEU B 23 9.21 7.01 -5.84
N ALA B 24 9.10 8.33 -5.79
CA ALA B 24 7.87 8.96 -5.36
C ALA B 24 6.72 8.79 -6.35
N GLU B 25 5.52 8.95 -5.81
CA GLU B 25 4.28 9.01 -6.57
C GLU B 25 3.59 10.30 -6.21
N TYR B 26 2.75 10.82 -7.11
CA TYR B 26 2.15 12.14 -6.96
C TYR B 26 0.69 12.10 -7.34
N VAL B 27 -0.11 12.96 -6.71
CA VAL B 27 -1.53 13.06 -7.02
C VAL B 27 -1.90 14.52 -7.21
N ILE B 28 -2.64 14.80 -8.29
CA ILE B 28 -3.25 16.09 -8.52
C ILE B 28 -4.77 15.91 -8.49
N TYR B 29 -5.45 16.99 -8.15
CA TYR B 29 -6.90 16.96 -7.98
C TYR B 29 -7.60 17.88 -9.00
N ARG B 30 -6.82 18.38 -9.97
CA ARG B 30 -7.32 19.17 -11.07
CA ARG B 30 -7.31 19.20 -11.07
C ARG B 30 -6.67 18.65 -12.34
N GLY B 31 -7.48 18.18 -13.28
CA GLY B 31 -6.95 17.64 -14.55
C GLY B 31 -6.12 18.66 -15.34
N GLU B 32 -6.42 19.95 -15.14
CA GLU B 32 -5.69 21.02 -15.79
C GLU B 32 -4.23 21.11 -15.36
N GLN B 33 -3.85 20.41 -14.28
CA GLN B 33 -2.45 20.41 -13.84
C GLN B 33 -1.58 19.34 -14.47
N ALA B 34 -2.05 18.68 -15.53
CA ALA B 34 -1.20 17.74 -16.27
C ALA B 34 -1.47 17.83 -17.76
N TYR B 35 -0.42 17.70 -18.55
CA TYR B 35 -0.50 17.66 -20.01
C TYR B 35 0.19 16.36 -20.49
N PRO B 36 -0.49 15.55 -21.32
CA PRO B 36 0.05 14.27 -21.79
C PRO B 36 1.01 14.45 -22.96
N GLU B 37 2.27 14.77 -22.68
N GLU B 37 2.27 14.79 -22.65
CA GLU B 37 3.17 15.26 -23.70
CA GLU B 37 3.25 15.26 -23.64
C GLU B 37 3.68 14.17 -24.65
C GLU B 37 3.69 14.20 -24.63
N TYR B 38 3.96 12.98 -24.13
CA TYR B 38 4.42 11.85 -24.95
C TYR B 38 3.57 10.61 -24.76
N LEU B 39 3.25 9.96 -25.88
CA LEU B 39 2.58 8.65 -25.89
C LEU B 39 3.63 7.63 -26.28
N ILE B 40 3.93 6.70 -25.38
CA ILE B 40 4.98 5.71 -25.57
C ILE B 40 4.35 4.35 -25.76
N THR B 41 4.63 3.70 -26.91
CA THR B 41 4.13 2.35 -27.20
C THR B 41 5.30 1.37 -27.02
N TYR B 42 5.05 0.28 -26.30
CA TYR B 42 6.12 -0.61 -25.87
C TYR B 42 5.62 -2.01 -25.57
N GLN B 43 6.56 -2.94 -25.45
CA GLN B 43 6.33 -4.23 -24.83
C GLN B 43 7.25 -4.36 -23.62
N ILE B 44 6.79 -5.09 -22.61
CA ILE B 44 7.70 -5.55 -21.59
C ILE B 44 8.53 -6.71 -22.17
N MET B 45 9.79 -6.84 -21.72
CA MET B 45 10.66 -7.89 -22.23
CA MET B 45 10.70 -7.88 -22.21
C MET B 45 10.85 -8.99 -21.20
N ARG B 46 10.77 -10.24 -21.67
CA ARG B 46 11.01 -11.41 -20.82
C ARG B 46 12.49 -11.42 -20.42
N PRO B 47 12.81 -11.47 -19.12
CA PRO B 47 14.23 -11.51 -18.69
C PRO B 47 15.02 -12.69 -19.28
N GLU B 48 16.25 -12.41 -19.72
CA GLU B 48 17.37 -13.37 -19.95
C GLU B 48 18.45 -12.78 -20.87
N GLY C 30 11.65 -14.32 -0.01
CA GLY C 30 10.67 -14.85 -1.00
C GLY C 30 9.22 -14.41 -0.75
N THR C 31 9.02 -13.27 -0.09
CA THR C 31 7.67 -12.77 0.13
C THR C 31 7.23 -11.90 -1.01
N ILE C 32 6.00 -12.13 -1.47
CA ILE C 32 5.32 -11.23 -2.37
C ILE C 32 4.00 -10.79 -1.73
N LEU C 33 3.60 -9.57 -2.03
CA LEU C 33 2.38 -8.96 -1.48
C LEU C 33 1.39 -8.75 -2.61
N ILE C 34 0.19 -9.32 -2.47
CA ILE C 34 -0.85 -9.20 -3.51
C ILE C 34 -1.98 -8.31 -2.99
N ASP C 35 -2.25 -7.20 -3.68
CA ASP C 35 -3.36 -6.32 -3.27
C ASP C 35 -4.70 -6.98 -3.46
N LEU C 36 -5.57 -6.84 -2.47
CA LEU C 36 -6.98 -7.23 -2.60
C LEU C 36 -7.78 -6.05 -3.06
N SER C 37 -8.70 -6.29 -3.99
CA SER C 37 -9.61 -5.26 -4.44
C SER C 37 -10.64 -4.94 -3.36
N PRO C 38 -10.98 -3.67 -3.13
CA PRO C 38 -12.08 -3.37 -2.21
C PRO C 38 -13.44 -3.97 -2.59
N ASP C 39 -13.63 -4.33 -3.86
CA ASP C 39 -14.86 -5.01 -4.29
C ASP C 39 -14.87 -6.53 -4.00
N ASP C 40 -13.75 -7.08 -3.56
CA ASP C 40 -13.59 -8.49 -3.22
C ASP C 40 -14.17 -8.77 -1.83
N LYS C 41 -14.92 -9.85 -1.70
CA LYS C 41 -15.45 -10.27 -0.39
C LYS C 41 -14.37 -10.46 0.66
N GLU C 42 -13.19 -10.94 0.25
CA GLU C 42 -12.08 -11.14 1.18
C GLU C 42 -11.61 -9.81 1.80
N PHE C 43 -11.44 -8.78 0.98
CA PHE C 43 -11.11 -7.43 1.47
C PHE C 43 -12.18 -6.99 2.48
N GLN C 44 -13.44 -7.15 2.09
CA GLN C 44 -14.56 -6.66 2.89
C GLN C 44 -14.64 -7.37 4.24
N SER C 45 -14.32 -8.66 4.25
CA SER C 45 -14.33 -9.43 5.50
C SER C 45 -13.24 -8.96 6.46
N VAL C 46 -12.06 -8.71 5.92
CA VAL C 46 -10.94 -8.26 6.74
C VAL C 46 -11.23 -6.85 7.26
N GLU C 47 -11.73 -5.96 6.40
CA GLU C 47 -12.09 -4.62 6.88
C GLU C 47 -13.15 -4.70 7.99
N GLU C 48 -14.17 -5.54 7.81
CA GLU C 48 -15.21 -5.65 8.85
C GLU C 48 -14.64 -6.15 10.17
N GLU C 49 -13.71 -7.10 10.13
CA GLU C 49 -13.06 -7.56 11.35
C GLU C 49 -12.27 -6.44 12.02
N MET C 50 -11.56 -5.61 11.24
CA MET C 50 -10.88 -4.45 11.79
C MET C 50 -11.85 -3.49 12.47
N GLN C 51 -12.88 -3.07 11.74
CA GLN C 51 -13.78 -2.00 12.20
C GLN C 51 -14.64 -2.46 13.38
N SER C 52 -15.13 -3.70 13.32
CA SER C 52 -16.05 -4.21 14.33
C SER C 52 -15.39 -4.51 15.66
N THR C 53 -14.06 -4.56 15.70
CA THR C 53 -13.35 -4.88 16.94
C THR C 53 -12.58 -3.69 17.51
N VAL C 54 -12.92 -2.49 17.06
CA VAL C 54 -12.48 -1.29 17.78
C VAL C 54 -13.26 -1.20 19.08
N ARG C 55 -12.55 -0.88 20.15
CA ARG C 55 -13.18 -0.55 21.43
C ARG C 55 -12.52 0.67 22.04
N GLU C 56 -13.12 1.17 23.12
CA GLU C 56 -12.49 2.20 23.94
C GLU C 56 -11.44 1.55 24.81
N HIS C 57 -10.38 2.30 25.08
CA HIS C 57 -9.29 1.84 25.92
C HIS C 57 -9.22 2.67 27.19
N ARG C 58 -8.80 2.02 28.26
CA ARG C 58 -8.79 2.64 29.59
C ARG C 58 -7.73 3.73 29.75
N ASP C 59 -6.80 3.84 28.80
CA ASP C 59 -5.86 4.95 28.75
C ASP C 59 -6.41 6.22 28.05
N GLY C 60 -7.71 6.21 27.72
CA GLY C 60 -8.35 7.35 27.07
C GLY C 60 -7.80 7.67 25.70
N GLY C 61 -7.13 6.70 25.07
CA GLY C 61 -6.44 6.91 23.78
C GLY C 61 -4.97 7.28 23.84
N HIS C 62 -4.36 7.28 25.03
CA HIS C 62 -2.97 7.70 25.17
C HIS C 62 -2.02 6.95 24.23
N ALA C 63 -2.12 5.62 24.20
CA ALA C 63 -1.19 4.79 23.44
C ALA C 63 -1.49 4.75 21.96
N GLY C 64 -2.76 4.50 21.61
CA GLY C 64 -3.15 4.26 20.21
C GLY C 64 -3.86 5.39 19.51
N GLY C 65 -4.25 6.43 20.24
CA GLY C 65 -5.03 7.53 19.70
C GLY C 65 -6.51 7.48 19.99
N ILE C 66 -7.19 8.57 19.66
CA ILE C 66 -8.61 8.71 19.89
C ILE C 66 -9.35 8.49 18.57
N PHE C 67 -10.16 7.44 18.53
CA PHE C 67 -10.88 7.06 17.32
C PHE C 67 -11.92 5.98 17.61
N ASN C 68 -12.95 5.94 16.77
CA ASN C 68 -13.95 4.89 16.80
C ASN C 68 -13.92 3.98 15.58
N ARG C 69 -13.21 4.39 14.54
CA ARG C 69 -13.14 3.64 13.29
C ARG C 69 -11.87 4.01 12.53
N TYR C 70 -11.57 3.22 11.51
CA TYR C 70 -10.41 3.41 10.65
C TYR C 70 -10.81 3.82 9.24
N ASN C 71 -9.87 4.45 8.56
CA ASN C 71 -9.90 4.55 7.11
C ASN C 71 -8.94 3.50 6.55
N ILE C 72 -9.48 2.44 5.96
CA ILE C 72 -8.65 1.36 5.41
C ILE C 72 -8.17 1.78 4.02
N LEU C 73 -6.85 1.81 3.85
CA LEU C 73 -6.24 2.27 2.61
C LEU C 73 -5.88 1.13 1.67
N LYS C 74 -5.40 0.02 2.23
CA LYS C 74 -4.98 -1.12 1.43
C LYS C 74 -4.98 -2.39 2.28
N ILE C 75 -5.33 -3.52 1.68
CA ILE C 75 -5.19 -4.83 2.33
C ILE C 75 -4.46 -5.73 1.35
N GLN C 76 -3.34 -6.30 1.78
CA GLN C 76 -2.50 -7.17 0.93
C GLN C 76 -2.41 -8.55 1.53
N LYS C 77 -2.49 -9.57 0.68
CA LYS C 77 -2.15 -10.92 1.07
C LYS C 77 -0.65 -11.11 1.05
N VAL C 78 -0.12 -11.72 2.10
CA VAL C 78 1.31 -12.00 2.22
C VAL C 78 1.55 -13.44 1.80
N CYS C 79 2.38 -13.62 0.78
CA CYS C 79 2.59 -14.94 0.18
C CYS C 79 4.07 -15.29 0.27
N ASN C 80 4.37 -16.32 1.03
CA ASN C 80 5.74 -16.81 1.18
C ASN C 80 5.65 -18.32 1.40
N LYS C 81 6.09 -19.09 0.41
CA LYS C 81 6.00 -20.55 0.45
C LYS C 81 6.78 -21.17 1.62
N LYS C 82 8.02 -20.73 1.80
CA LYS C 82 8.89 -21.21 2.89
C LYS C 82 8.24 -20.97 4.25
N LEU C 83 7.80 -19.72 4.48
CA LEU C 83 7.16 -19.35 5.74
C LEU C 83 5.83 -20.07 5.95
N TRP C 84 5.06 -20.26 4.89
CA TRP C 84 3.81 -21.03 4.98
C TRP C 84 4.08 -22.47 5.39
N GLU C 85 5.07 -23.10 4.77
CA GLU C 85 5.41 -24.49 5.10
C GLU C 85 5.93 -24.63 6.54
N ARG C 86 6.71 -23.65 7.00
CA ARG C 86 7.16 -23.58 8.40
C ARG C 86 5.94 -23.56 9.33
N TYR C 87 4.95 -22.72 9.00
CA TYR C 87 3.72 -22.61 9.77
C TYR C 87 2.93 -23.94 9.79
N THR C 88 2.70 -24.54 8.63
CA THR C 88 1.87 -25.76 8.53
C THR C 88 2.54 -26.98 9.17
N HIS C 89 3.87 -27.01 9.13
CA HIS C 89 4.63 -28.08 9.80
C HIS C 89 4.41 -28.01 11.31
N ARG C 90 4.53 -26.81 11.88
CA ARG C 90 4.30 -26.61 13.32
C ARG C 90 2.84 -26.85 13.67
N ARG C 91 1.93 -26.41 12.81
CA ARG C 91 0.49 -26.60 13.04
C ARG C 91 0.15 -28.09 13.17
N LYS C 92 0.74 -28.91 12.30
CA LYS C 92 0.54 -30.37 12.34
C LYS C 92 1.07 -30.99 13.63
N GLU C 93 2.23 -30.55 14.09
CA GLU C 93 2.81 -31.01 15.36
C GLU C 93 1.87 -30.67 16.53
N VAL C 94 1.45 -29.41 16.59
CA VAL C 94 0.57 -28.95 17.67
C VAL C 94 -0.78 -29.65 17.60
N SER C 95 -1.35 -29.78 16.41
CA SER C 95 -2.63 -30.47 16.22
C SER C 95 -2.57 -31.90 16.75
N GLU C 96 -1.51 -32.62 16.42
CA GLU C 96 -1.37 -34.02 16.87
C GLU C 96 -1.20 -34.12 18.38
N GLU C 97 -0.42 -33.21 18.97
CA GLU C 97 -0.26 -33.14 20.43
C GLU C 97 -1.55 -32.81 21.16
N ASN C 98 -2.41 -32.01 20.53
CA ASN C 98 -3.69 -31.60 21.11
C ASN C 98 -4.84 -32.43 20.54
N HIS C 99 -4.58 -33.70 20.27
CA HIS C 99 -5.60 -34.67 19.90
C HIS C 99 -6.40 -34.25 18.67
N ASN C 100 -5.64 -33.89 17.62
CA ASN C 100 -6.16 -33.50 16.31
CA ASN C 100 -6.17 -33.50 16.31
C ASN C 100 -6.98 -32.20 16.34
N HIS C 101 -6.47 -31.20 17.08
CA HIS C 101 -7.13 -29.89 17.20
C HIS C 101 -6.08 -28.79 17.21
N ALA C 102 -5.92 -28.11 16.08
CA ALA C 102 -4.97 -27.01 15.98
C ALA C 102 -5.42 -25.78 16.78
N ASN C 103 -6.73 -25.59 16.92
CA ASN C 103 -7.30 -24.43 17.61
C ASN C 103 -6.75 -23.14 16.97
N GLU C 104 -6.95 -23.09 15.66
CA GLU C 104 -6.40 -22.01 14.83
C GLU C 104 -7.37 -20.83 14.76
N ARG C 105 -6.82 -19.64 14.94
CA ARG C 105 -7.59 -18.39 14.96
C ARG C 105 -7.02 -17.39 13.96
N MET C 106 -7.81 -16.38 13.62
CA MET C 106 -7.30 -15.18 12.97
C MET C 106 -7.27 -14.05 14.00
N LEU C 107 -6.10 -13.43 14.19
CA LEU C 107 -5.86 -12.45 15.25
C LEU C 107 -4.97 -11.32 14.78
N PHE C 108 -5.12 -10.14 15.38
CA PHE C 108 -4.33 -8.96 15.00
C PHE C 108 -2.97 -8.94 15.69
N HIS C 109 -1.99 -8.33 15.01
CA HIS C 109 -0.69 -8.06 15.59
C HIS C 109 -0.21 -6.71 15.13
N GLY C 110 0.12 -5.85 16.09
CA GLY C 110 0.75 -4.56 15.82
C GLY C 110 2.17 -4.57 16.34
N SER C 111 3.09 -3.97 15.59
CA SER C 111 4.50 -3.99 15.96
C SER C 111 5.31 -3.03 15.10
N PRO C 112 6.33 -2.38 15.69
CA PRO C 112 7.29 -1.64 14.86
C PRO C 112 8.02 -2.51 13.82
N PHE C 113 8.05 -3.83 14.01
CA PHE C 113 8.78 -4.74 13.10
C PHE C 113 7.90 -5.45 12.07
N VAL C 114 6.69 -4.94 11.83
CA VAL C 114 5.78 -5.46 10.80
C VAL C 114 6.48 -5.73 9.45
N ASN C 115 7.33 -4.79 9.00
CA ASN C 115 8.00 -4.92 7.70
C ASN C 115 9.01 -6.07 7.71
N ALA C 116 9.66 -6.31 8.84
CA ALA C 116 10.53 -7.47 9.02
C ALA C 116 9.76 -8.80 9.13
N ILE C 117 8.63 -8.79 9.83
CA ILE C 117 7.86 -10.01 10.04
C ILE C 117 7.36 -10.62 8.72
N ILE C 118 6.90 -9.79 7.80
CA ILE C 118 6.35 -10.29 6.54
C ILE C 118 7.41 -10.95 5.64
N HIS C 119 8.67 -10.57 5.84
CA HIS C 119 9.80 -11.11 5.05
C HIS C 119 10.49 -12.29 5.71
N LYS C 120 10.66 -12.23 7.03
CA LYS C 120 11.43 -13.24 7.78
C LYS C 120 10.57 -14.19 8.60
N GLY C 121 9.29 -13.84 8.81
CA GLY C 121 8.40 -14.61 9.67
C GLY C 121 8.52 -14.21 11.12
N PHE C 122 7.62 -14.73 11.95
CA PHE C 122 7.69 -14.52 13.40
C PHE C 122 8.80 -15.38 14.03
N ASP C 123 9.48 -14.82 15.03
CA ASP C 123 10.49 -15.52 15.84
C ASP C 123 10.73 -14.73 17.14
N GLU C 124 11.72 -15.14 17.93
CA GLU C 124 12.00 -14.53 19.26
C GLU C 124 12.19 -13.01 19.27
N ARG C 125 12.72 -12.45 18.19
CA ARG C 125 12.92 -10.99 18.08
C ARG C 125 11.61 -10.20 18.14
N HIS C 126 10.49 -10.87 17.87
CA HIS C 126 9.17 -10.20 17.81
C HIS C 126 8.33 -10.39 19.07
N ALA C 127 8.94 -10.98 20.11
CA ALA C 127 8.26 -11.17 21.39
C ALA C 127 8.23 -9.91 22.22
N TYR C 128 7.15 -9.77 23.00
CA TYR C 128 7.01 -8.73 23.99
C TYR C 128 7.51 -9.31 25.29
N ILE C 129 8.75 -8.96 25.64
CA ILE C 129 9.44 -9.59 26.75
C ILE C 129 8.73 -9.28 28.07
N GLY C 130 8.28 -8.05 28.23
CA GLY C 130 7.60 -7.61 29.45
C GLY C 130 6.08 -7.73 29.46
N GLY C 131 5.51 -8.57 28.60
CA GLY C 131 4.07 -8.78 28.58
C GLY C 131 3.57 -9.47 29.84
N MET C 132 2.31 -9.20 30.19
CA MET C 132 1.73 -9.72 31.43
C MET C 132 1.58 -11.24 31.51
N PHE C 133 1.62 -11.92 30.36
CA PHE C 133 1.58 -13.40 30.33
C PHE C 133 2.93 -13.99 29.91
N GLY C 134 4.02 -13.30 30.23
CA GLY C 134 5.37 -13.78 29.95
C GLY C 134 5.91 -13.36 28.59
N ALA C 135 7.19 -13.65 28.39
CA ALA C 135 7.92 -13.28 27.17
C ALA C 135 7.50 -14.18 26.02
N GLY C 136 6.62 -13.65 25.16
CA GLY C 136 6.10 -14.39 24.02
C GLY C 136 5.60 -13.39 22.99
N ILE C 137 5.00 -13.90 21.92
CA ILE C 137 4.50 -13.05 20.84
C ILE C 137 2.99 -12.88 21.08
N TYR C 138 2.55 -11.63 21.14
CA TYR C 138 1.18 -11.27 21.55
C TYR C 138 0.28 -10.92 20.38
N PHE C 139 -0.97 -11.38 20.46
CA PHE C 139 -2.00 -11.16 19.45
C PHE C 139 -3.29 -10.73 20.12
N ALA C 140 -4.14 -10.00 19.40
CA ALA C 140 -5.38 -9.47 19.95
C ALA C 140 -6.59 -9.76 19.09
N GLU C 141 -7.72 -10.02 19.75
CA GLU C 141 -9.02 -10.01 19.08
C GLU C 141 -9.47 -8.60 18.74
N ASN C 142 -9.17 -7.62 19.60
CA ASN C 142 -9.49 -6.22 19.31
C ASN C 142 -8.42 -5.60 18.41
N SER C 143 -8.78 -5.18 17.19
CA SER C 143 -7.84 -4.46 16.36
C SER C 143 -7.24 -3.25 17.06
N SER C 144 -8.05 -2.57 17.87
CA SER C 144 -7.59 -1.35 18.53
C SER C 144 -6.58 -1.62 19.63
N LYS C 145 -6.56 -2.85 20.18
CA LYS C 145 -5.51 -3.24 21.11
C LYS C 145 -4.18 -3.34 20.35
N SER C 146 -4.17 -4.05 19.22
CA SER C 146 -2.95 -4.12 18.41
C SER C 146 -2.49 -2.75 17.89
N ASN C 147 -3.43 -1.87 17.58
CA ASN C 147 -3.11 -0.50 17.16
C ASN C 147 -2.28 0.25 18.21
N GLN C 148 -2.43 -0.09 19.49
CA GLN C 148 -1.63 0.52 20.55
C GLN C 148 -0.15 0.23 20.46
N TYR C 149 0.25 -0.78 19.66
CA TYR C 149 1.64 -1.23 19.57
C TYR C 149 2.32 -0.92 18.24
N VAL C 150 1.60 -0.26 17.33
CA VAL C 150 2.15 0.07 15.99
C VAL C 150 3.43 0.89 16.08
N TYR C 151 3.46 1.83 17.03
CA TYR C 151 4.61 2.73 17.22
C TYR C 151 5.45 2.34 18.43
N GLY C 152 5.24 1.14 18.94
CA GLY C 152 5.98 0.60 20.07
C GLY C 152 5.11 0.42 21.30
N ILE C 153 5.74 -0.06 22.37
CA ILE C 153 5.06 -0.29 23.64
C ILE C 153 4.52 1.05 24.16
N GLY C 154 3.24 1.06 24.53
CA GLY C 154 2.57 2.28 24.97
C GLY C 154 2.41 3.33 23.88
N GLY C 155 2.51 2.90 22.62
CA GLY C 155 2.54 3.81 21.48
C GLY C 155 3.87 4.53 21.25
N GLY C 156 4.91 4.20 22.03
CA GLY C 156 6.21 4.87 21.91
C GLY C 156 6.06 6.37 21.95
N THR C 157 6.68 7.05 20.99
CA THR C 157 6.55 8.49 20.84
C THR C 157 5.60 8.86 19.68
N GLY C 158 4.78 7.92 19.23
CA GLY C 158 3.83 8.15 18.15
C GLY C 158 4.48 8.11 16.78
N CYS C 159 3.81 8.69 15.80
CA CYS C 159 4.28 8.64 14.40
C CYS C 159 5.64 9.30 14.30
N PRO C 160 6.51 8.80 13.39
CA PRO C 160 7.82 9.45 13.23
C PRO C 160 7.76 10.92 12.82
N VAL C 161 6.83 11.27 11.93
CA VAL C 161 6.79 12.60 11.33
C VAL C 161 6.33 13.68 12.32
N HIS C 162 5.27 13.40 13.09
CA HIS C 162 4.65 14.37 13.97
C HIS C 162 4.82 14.09 15.47
N LYS C 163 5.40 12.95 15.83
CA LYS C 163 5.50 12.50 17.23
C LYS C 163 4.13 12.54 17.94
N ASP C 164 3.12 12.01 17.26
CA ASP C 164 1.73 12.09 17.70
C ASP C 164 1.16 10.68 17.74
N ARG C 165 0.91 10.18 18.94
CA ARG C 165 0.30 8.86 19.09
C ARG C 165 -1.13 8.78 18.53
N SER C 166 -1.80 9.93 18.41
CA SER C 166 -3.13 10.01 17.83
C SER C 166 -3.10 10.64 16.44
N CYS C 167 -2.00 10.48 15.70
CA CYS C 167 -1.91 11.08 14.38
C CYS C 167 -2.99 10.53 13.45
N TYR C 168 -3.70 11.45 12.80
CA TYR C 168 -4.75 11.12 11.83
C TYR C 168 -4.26 11.22 10.38
N ILE C 169 -2.99 11.59 10.20
CA ILE C 169 -2.41 11.82 8.87
C ILE C 169 -1.59 10.63 8.42
N CYS C 170 -0.64 10.21 9.25
CA CYS C 170 0.31 9.17 8.88
C CYS C 170 -0.34 7.79 8.76
N HIS C 171 0.11 7.05 7.76
CA HIS C 171 -0.40 5.71 7.47
C HIS C 171 0.21 4.72 8.44
N ARG C 172 -0.63 3.84 9.00
CA ARG C 172 -0.23 2.78 9.91
C ARG C 172 -0.41 1.43 9.24
N GLN C 173 0.26 0.43 9.78
CA GLN C 173 0.09 -0.95 9.32
C GLN C 173 -0.14 -1.91 10.49
N LEU C 174 -1.06 -2.86 10.28
CA LEU C 174 -1.33 -3.97 11.21
C LEU C 174 -1.27 -5.27 10.42
N LEU C 175 -1.00 -6.37 11.11
CA LEU C 175 -1.12 -7.69 10.52
C LEU C 175 -2.37 -8.37 11.04
N PHE C 176 -3.02 -9.15 10.18
CA PHE C 176 -4.11 -10.02 10.59
C PHE C 176 -3.59 -11.42 10.27
N CYS C 177 -3.37 -12.20 11.35
CA CYS C 177 -2.51 -13.38 11.29
C CYS C 177 -3.25 -14.66 11.58
N ARG C 178 -2.81 -15.74 10.97
CA ARG C 178 -3.28 -17.08 11.30
C ARG C 178 -2.41 -17.55 12.46
N VAL C 179 -3.05 -17.93 13.57
CA VAL C 179 -2.33 -18.28 14.82
C VAL C 179 -2.82 -19.65 15.31
N THR C 180 -1.87 -20.56 15.54
CA THR C 180 -2.17 -21.89 16.08
C THR C 180 -2.07 -21.81 17.60
N LEU C 181 -3.20 -21.97 18.30
CA LEU C 181 -3.21 -21.91 19.78
C LEU C 181 -3.00 -23.24 20.49
N GLY C 182 -3.37 -24.33 19.82
CA GLY C 182 -3.37 -25.66 20.45
C GLY C 182 -4.15 -25.64 21.76
N LYS C 183 -3.69 -26.44 22.71
CA LYS C 183 -4.17 -26.36 24.09
C LYS C 183 -3.74 -25.04 24.71
N SER C 184 -4.70 -24.14 24.95
CA SER C 184 -4.41 -22.81 25.45
C SER C 184 -4.71 -22.70 26.94
N PHE C 185 -3.75 -22.19 27.70
CA PHE C 185 -3.91 -21.98 29.14
C PHE C 185 -4.74 -20.71 29.36
N LEU C 186 -5.88 -20.85 30.00
CA LEU C 186 -6.74 -19.72 30.30
C LEU C 186 -6.25 -18.96 31.53
N GLN C 187 -5.93 -17.69 31.35
CA GLN C 187 -5.52 -16.80 32.42
C GLN C 187 -6.46 -15.61 32.42
N PHE C 188 -7.28 -15.49 33.44
CA PHE C 188 -8.07 -14.29 33.63
C PHE C 188 -7.15 -13.16 34.04
N SER C 189 -7.41 -11.96 33.55
CA SER C 189 -6.56 -10.81 33.84
C SER C 189 -7.42 -9.74 34.46
N ALA C 190 -6.81 -8.93 35.31
CA ALA C 190 -7.52 -7.89 36.04
C ALA C 190 -7.85 -6.66 35.17
N MET C 191 -7.60 -6.74 33.85
CA MET C 191 -7.88 -5.65 32.92
C MET C 191 -9.35 -5.72 32.49
N MET D 2 12.80 -15.79 24.86
CA MET D 2 11.35 -16.16 24.82
C MET D 2 11.07 -17.28 25.83
N ALA D 3 10.01 -17.11 26.62
CA ALA D 3 9.64 -18.08 27.66
C ALA D 3 9.07 -19.35 27.04
N HIS D 4 8.87 -20.37 27.87
CA HIS D 4 8.20 -21.59 27.43
C HIS D 4 6.71 -21.46 27.72
N SER D 5 5.90 -22.20 26.95
CA SER D 5 4.47 -22.32 27.21
C SER D 5 4.27 -23.03 28.55
N PRO D 6 3.10 -22.83 29.20
CA PRO D 6 2.78 -23.62 30.39
C PRO D 6 2.83 -25.13 30.09
N PRO D 7 3.32 -25.94 31.06
CA PRO D 7 3.39 -27.39 30.87
C PRO D 7 2.10 -27.98 30.30
N GLY D 8 2.22 -28.70 29.18
CA GLY D 8 1.09 -29.33 28.52
C GLY D 8 0.22 -28.38 27.69
N HIS D 9 0.68 -27.14 27.50
CA HIS D 9 -0.06 -26.13 26.73
C HIS D 9 0.83 -25.54 25.64
N HIS D 10 0.18 -24.98 24.61
CA HIS D 10 0.87 -24.39 23.45
C HIS D 10 0.73 -22.88 23.34
N SER D 11 -0.03 -22.26 24.23
CA SER D 11 -0.31 -20.84 24.19
C SER D 11 -1.00 -20.45 25.48
N VAL D 12 -1.16 -19.14 25.68
CA VAL D 12 -1.93 -18.60 26.80
C VAL D 12 -3.02 -17.71 26.23
N THR D 13 -4.21 -17.83 26.81
CA THR D 13 -5.35 -16.97 26.51
C THR D 13 -5.49 -16.03 27.70
N GLY D 14 -5.25 -14.73 27.47
CA GLY D 14 -5.42 -13.70 28.47
C GLY D 14 -6.78 -13.07 28.33
N ARG D 15 -7.66 -13.30 29.29
CA ARG D 15 -9.04 -12.89 29.15
C ARG D 15 -9.41 -11.82 30.17
N PRO D 16 -9.61 -10.57 29.71
CA PRO D 16 -10.01 -9.49 30.61
C PRO D 16 -11.27 -9.86 31.40
N SER D 17 -11.18 -9.73 32.72
CA SER D 17 -12.29 -10.04 33.61
C SER D 17 -12.97 -8.82 34.22
N VAL D 18 -12.41 -7.62 34.03
CA VAL D 18 -13.00 -6.38 34.59
C VAL D 18 -13.75 -5.61 33.50
N ASN D 19 -13.08 -5.31 32.38
CA ASN D 19 -13.73 -4.66 31.26
C ASN D 19 -14.45 -5.71 30.43
N GLY D 20 -15.78 -5.71 30.55
CA GLY D 20 -16.61 -6.69 29.86
C GLY D 20 -16.72 -6.52 28.36
N LEU D 21 -16.24 -5.39 27.82
CA LEU D 21 -16.19 -5.20 26.38
C LEU D 21 -14.81 -5.45 25.79
N ALA D 22 -13.84 -5.77 26.62
CA ALA D 22 -12.49 -6.06 26.12
C ALA D 22 -12.39 -7.52 25.73
N LEU D 23 -11.93 -7.77 24.52
CA LEU D 23 -11.80 -9.13 24.01
C LEU D 23 -10.45 -9.73 24.44
N ALA D 24 -10.23 -10.99 24.09
CA ALA D 24 -9.07 -11.70 24.59
C ALA D 24 -7.78 -11.31 23.88
N GLU D 25 -6.69 -11.58 24.56
CA GLU D 25 -5.34 -11.45 24.04
C GLU D 25 -4.71 -12.82 24.14
N TYR D 26 -3.79 -13.12 23.22
CA TYR D 26 -3.21 -14.47 23.13
C TYR D 26 -1.71 -14.38 23.00
N VAL D 27 -1.01 -15.34 23.60
CA VAL D 27 0.44 -15.38 23.57
C VAL D 27 0.89 -16.75 23.08
N ILE D 28 1.81 -16.74 22.11
CA ILE D 28 2.51 -17.93 21.68
C ILE D 28 4.00 -17.77 22.01
N TYR D 29 4.66 -18.91 22.17
CA TYR D 29 6.06 -18.95 22.57
C TYR D 29 6.97 -19.57 21.51
N ARG D 30 6.40 -19.82 20.32
CA ARG D 30 7.11 -20.31 19.16
C ARG D 30 6.62 -19.47 17.98
N GLY D 31 7.53 -18.80 17.29
CA GLY D 31 7.20 -18.01 16.10
C GLY D 31 6.54 -18.80 14.99
N GLU D 32 6.85 -20.10 14.92
CA GLU D 32 6.25 -20.99 13.93
C GLU D 32 4.74 -21.22 14.06
N GLN D 33 4.15 -20.81 15.19
CA GLN D 33 2.71 -20.91 15.41
C GLN D 33 1.92 -19.70 14.90
N ALA D 34 2.55 -18.81 14.14
CA ALA D 34 1.80 -17.73 13.50
C ALA D 34 2.29 -17.49 12.08
N TYR D 35 1.36 -17.11 11.21
CA TYR D 35 1.68 -16.75 9.83
C TYR D 35 1.02 -15.39 9.56
N PRO D 36 1.80 -14.40 9.05
CA PRO D 36 1.27 -13.04 8.83
C PRO D 36 0.47 -12.92 7.52
N GLU D 37 -0.78 -13.37 7.55
CA GLU D 37 -1.58 -13.60 6.35
CA GLU D 37 -1.55 -13.60 6.35
C GLU D 37 -1.98 -12.34 5.59
N TYR D 38 -2.35 -11.29 6.32
CA TYR D 38 -2.75 -10.03 5.69
C TYR D 38 -2.01 -8.85 6.29
N LEU D 39 -1.61 -7.91 5.44
CA LEU D 39 -1.00 -6.65 5.83
C LEU D 39 -1.99 -5.57 5.49
N ILE D 40 -2.42 -4.84 6.53
CA ILE D 40 -3.46 -3.83 6.41
C ILE D 40 -2.83 -2.46 6.61
N THR D 41 -3.03 -1.55 5.66
CA THR D 41 -2.56 -0.18 5.75
C THR D 41 -3.77 0.72 5.98
N TYR D 42 -3.68 1.63 6.96
CA TYR D 42 -4.84 2.37 7.42
C TYR D 42 -4.46 3.68 8.11
N GLN D 43 -5.47 4.52 8.32
CA GLN D 43 -5.40 5.65 9.24
C GLN D 43 -6.46 5.46 10.32
N ILE D 44 -6.18 5.94 11.52
CA ILE D 44 -7.28 6.16 12.48
C ILE D 44 -8.04 7.41 12.06
N MET D 45 -9.34 7.45 12.33
CA MET D 45 -10.19 8.59 11.95
C MET D 45 -10.55 9.42 13.16
N ARG D 46 -10.46 10.74 13.01
CA ARG D 46 -10.87 11.68 14.07
C ARG D 46 -12.38 11.59 14.25
N PRO D 47 -12.87 11.33 15.48
CA PRO D 47 -14.32 11.34 15.69
C PRO D 47 -14.98 12.67 15.33
N GLU D 48 -16.21 12.58 14.81
CA GLU D 48 -17.08 13.70 14.43
C GLU D 48 -16.66 14.28 13.08
CAA 9C8 E . -9.43 6.15 -14.11
CAB 9C8 E . -9.06 4.75 -14.51
NAC 9C8 E . -8.38 4.05 -13.41
CAD 9C8 E . -9.11 2.85 -12.93
CAE 9C8 E . -8.72 1.74 -13.91
CAF 9C8 E . -7.08 4.28 -13.04
CAK 9C8 E . -6.57 3.82 -11.83
CAJ 9C8 E . -5.24 4.03 -11.45
CAG 9C8 E . -6.20 4.98 -13.87
CAH 9C8 E . -4.88 5.19 -13.51
CAI 9C8 E . -4.37 4.70 -12.29
CAL 9C8 E . -3.02 4.95 -11.91
NAM 9C8 E . -2.64 4.86 -10.63
CAN 9C8 E . -1.37 5.11 -10.26
CAO 9C8 E . -1.06 5.02 -8.90
CAP 9C8 E . 0.22 5.28 -8.47
CAQ 9C8 E . 1.23 5.63 -9.37
CAR 9C8 E . 0.93 5.71 -10.73
CAS 9C8 E . -0.38 5.46 -11.18
CAT 9C8 E . -0.74 5.51 -12.54
OAU 9C8 E . 0.05 5.76 -13.47
NAV 9C8 E . -2.06 5.25 -12.88
ZN ZN F . -1.41 -10.33 -24.87
S SO4 G . 5.07 -2.04 -5.22
S SO4 G . 5.14 -1.48 -4.97
O1 SO4 G . 4.41 -3.21 -5.83
O1 SO4 G . 5.39 -0.14 -4.43
O2 SO4 G . 4.46 -1.80 -3.89
O2 SO4 G . 4.14 -2.17 -4.11
O3 SO4 G . 6.53 -2.29 -5.07
O3 SO4 G . 6.40 -2.26 -5.05
O4 SO4 G . 4.85 -0.83 -6.03
O4 SO4 G . 4.54 -1.45 -6.32
S SO4 H . 17.11 -8.82 -19.14
O1 SO4 H . 16.65 -9.11 -17.77
O2 SO4 H . 15.98 -8.37 -19.98
O3 SO4 H . 17.67 -10.07 -19.69
O4 SO4 H . 18.14 -7.76 -19.08
C1 GOL I . 14.11 5.48 3.85
O1 GOL I . 15.49 5.86 3.71
C2 GOL I . 13.77 4.40 2.82
O2 GOL I . 14.07 3.08 3.30
C3 GOL I . 12.28 4.50 2.49
O3 GOL I . 12.03 4.13 1.13
CAA 9C8 J . 8.71 -2.99 21.32
CAB 9C8 J . 8.62 -4.48 21.67
NAC 9C8 J . 7.83 -5.15 20.61
CAD 9C8 J . 8.64 -5.36 19.41
CAE 9C8 J . 8.90 -6.86 19.29
CAF 9C8 J . 6.50 -5.45 20.69
CAK 9C8 J . 5.77 -5.29 21.88
CAJ 9C8 J . 4.41 -5.57 21.96
CAG 9C8 J . 5.78 -5.90 19.59
CAH 9C8 J . 4.43 -6.18 19.65
CAI 9C8 J . 3.70 -6.01 20.84
CAL 9C8 J . 2.34 -6.32 20.92
NAM 9C8 J . 1.77 -6.56 22.12
CAN 9C8 J . 0.47 -6.88 22.22
CAO 9C8 J . -0.04 -7.11 23.50
CAP 9C8 J . -1.37 -7.47 23.64
CAQ 9C8 J . -2.20 -7.60 22.52
CAR 9C8 J . -1.69 -7.35 21.25
CAS 9C8 J . -0.35 -6.98 21.10
CAT 9C8 J . 0.21 -6.73 19.83
OAU 9C8 J . -0.44 -6.74 18.75
NAV 9C8 J . 1.54 -6.39 19.78
ZN ZN K . 1.99 11.73 11.82
S SO4 L . -17.08 8.86 14.21
O1 SO4 L . -18.08 7.88 13.72
O2 SO4 L . -17.50 10.24 13.91
O3 SO4 L . -15.77 8.60 13.56
O4 SO4 L . -16.96 8.74 15.68
S SO4 M . -6.84 -1.23 27.77
O1 SO4 M . -6.91 -2.66 27.47
O2 SO4 M . -8.21 -0.68 27.80
O3 SO4 M . -6.15 -1.14 29.07
O4 SO4 M . -6.03 -0.69 26.67
#